data_7Q3O
#
_entry.id   7Q3O
#
_cell.length_a   45.373
_cell.length_b   64.669
_cell.length_c   67.028
_cell.angle_alpha   112.370
_cell.angle_beta   108.110
_cell.angle_gamma   93.930
#
_symmetry.space_group_name_H-M   'P 1'
#
loop_
_entity.id
_entity.type
_entity.pdbx_description
1 polymer 'hydroxymethylated DNA (18-MER)'
2 polymer 'hydroxymethylated DNA (18-MER)'
3 polymer 'Homeobox protein CDX-1'
4 water water
#
loop_
_entity_poly.entity_id
_entity_poly.type
_entity_poly.pdbx_seq_one_letter_code
_entity_poly.pdbx_strand_id
1 'polydeoxyribonucleotide' (DT)(DT)(DG)(DT)(DG)(DT)(DT)(DT)(DT)(DA)(DT)(DG)(DA)(DC)(DG)(DT)(DC)(DC) A,B,D,F
2 'polydeoxyribonucleotide' (DG)(DG)(DA)(DC)(DG)(DT)(5HC)(DA)(DT)(DA)(DA)(DA)(DA)(DC)(DA)(DC)(DA)(DA) H,I,J,L
3 'polypeptide(L)' TRTKDKYRVVYTDHQRLELEKEFHYSRYITIRRKSELAANLGLTERQVKIWFQNRRAKERKVNKK K,C,E,G
#
# COMPACT_ATOMS: atom_id res chain seq x y z
N THR I 1 0.99 -17.43 29.69
CA THR I 1 2.38 -17.05 29.26
C THR I 1 2.59 -15.54 29.49
N ARG I 2 1.68 -14.69 29.01
CA ARG I 2 1.58 -13.23 29.32
C ARG I 2 0.49 -12.93 30.34
N THR I 3 -0.72 -13.43 30.07
CA THR I 3 -1.95 -13.13 30.84
C THR I 3 -1.81 -13.70 32.26
N LYS I 4 -2.48 -13.08 33.23
CA LYS I 4 -2.41 -13.44 34.67
C LYS I 4 -3.68 -12.93 35.37
N ASP I 5 -3.55 -11.96 36.28
CA ASP I 5 -4.65 -11.17 36.89
C ASP I 5 -4.61 -9.74 36.30
N LYS I 6 -4.01 -9.59 35.12
CA LYS I 6 -4.30 -8.55 34.10
C LYS I 6 -4.69 -9.30 32.82
N TYR I 7 -5.98 -9.50 32.57
CA TYR I 7 -6.55 -10.27 31.41
C TYR I 7 -5.87 -9.83 30.11
N ARG I 8 -5.67 -8.52 30.02
CA ARG I 8 -5.06 -7.83 28.86
C ARG I 8 -4.57 -6.49 29.39
N VAL I 9 -3.53 -5.95 28.79
CA VAL I 9 -2.81 -4.74 29.27
C VAL I 9 -2.84 -3.75 28.11
N VAL I 10 -3.16 -2.49 28.40
CA VAL I 10 -3.22 -1.43 27.35
C VAL I 10 -1.79 -0.98 27.04
N TYR I 11 -1.36 -1.07 25.79
CA TYR I 11 -0.02 -0.60 25.38
C TYR I 11 -0.03 0.92 25.41
N THR I 12 1.07 1.54 25.82
CA THR I 12 1.25 3.02 25.87
C THR I 12 1.03 3.58 24.47
N ASP I 13 0.92 4.90 24.35
CA ASP I 13 0.75 5.52 23.00
C ASP I 13 2.05 5.30 22.24
N HIS I 14 3.17 5.54 22.92
CA HIS I 14 4.50 5.56 22.29
C HIS I 14 4.78 4.22 21.61
N GLN I 15 4.54 3.19 22.42
CA GLN I 15 4.73 1.76 22.06
C GLN I 15 3.97 1.52 20.76
N ARG I 16 2.69 1.91 20.84
CA ARG I 16 1.72 1.67 19.74
C ARG I 16 2.23 2.32 18.46
N LEU I 17 2.68 3.56 18.61
CA LEU I 17 3.20 4.37 17.49
C LEU I 17 4.35 3.64 16.83
N GLU I 18 5.26 3.17 17.69
CA GLU I 18 6.49 2.48 17.24
C GLU I 18 6.07 1.26 16.41
N LEU I 19 5.12 0.52 16.98
CA LEU I 19 4.65 -0.74 16.36
C LEU I 19 4.07 -0.44 15.00
N GLU I 20 3.28 0.62 14.93
CA GLU I 20 2.61 1.04 13.69
C GLU I 20 3.65 1.36 12.63
N LYS I 21 4.68 2.09 13.05
CA LYS I 21 5.78 2.50 12.16
C LYS I 21 6.42 1.24 11.57
N GLU I 22 6.70 0.30 12.48
CA GLU I 22 7.35 -0.97 12.10
C GLU I 22 6.50 -1.71 11.07
N PHE I 23 5.22 -1.76 11.34
CA PHE I 23 4.24 -2.44 10.47
C PHE I 23 4.30 -1.82 9.08
N HIS I 24 4.28 -0.49 9.06
CA HIS I 24 4.31 0.28 7.80
C HIS I 24 5.54 -0.08 7.01
N TYR I 25 6.66 -0.11 7.73
CA TYR I 25 7.98 -0.48 7.13
C TYR I 25 7.89 -1.89 6.48
N SER I 26 7.44 -2.89 7.24
CA SER I 26 7.05 -4.25 6.74
C SER I 26 5.99 -4.96 7.60
N ARG I 27 5.09 -5.72 6.96
CA ARG I 27 3.87 -6.36 7.55
C ARG I 27 4.24 -7.61 8.38
N TYR I 28 5.40 -8.21 8.11
CA TYR I 28 5.96 -9.36 8.87
C TYR I 28 7.22 -8.87 9.59
N ILE I 29 7.58 -9.46 10.73
CA ILE I 29 8.75 -8.99 11.52
C ILE I 29 9.72 -10.17 11.68
N THR I 30 10.99 -9.94 11.32
CA THR I 30 12.09 -10.94 11.40
C THR I 30 12.37 -11.22 12.87
N ILE I 31 12.95 -12.35 13.21
CA ILE I 31 13.15 -12.71 14.65
C ILE I 31 14.00 -11.63 15.30
N ARG I 32 15.07 -11.27 14.61
CA ARG I 32 16.10 -10.34 15.09
C ARG I 32 15.42 -9.01 15.43
N ARG I 33 14.67 -8.56 14.42
CA ARG I 33 13.97 -7.25 14.47
C ARG I 33 13.02 -7.26 15.66
N LYS I 34 12.29 -8.36 15.79
CA LYS I 34 11.30 -8.56 16.86
C LYS I 34 11.97 -8.39 18.23
N SER I 35 13.11 -9.06 18.34
CA SER I 35 13.91 -9.09 19.58
C SER I 35 14.31 -7.66 19.94
N GLU I 36 14.79 -6.96 18.91
CA GLU I 36 15.27 -5.56 19.08
C GLU I 36 14.10 -4.70 19.61
N LEU I 37 12.99 -4.89 18.96
CA LEU I 37 11.80 -4.04 19.16
C LEU I 37 11.29 -4.25 20.57
N ALA I 38 11.23 -5.50 20.99
CA ALA I 38 10.73 -5.85 22.35
C ALA I 38 11.64 -5.18 23.37
N ALA I 39 12.94 -5.28 23.11
CA ALA I 39 13.98 -4.74 24.01
C ALA I 39 13.73 -3.23 24.17
N ASN I 40 13.50 -2.56 23.05
CA ASN I 40 13.55 -1.08 23.01
C ASN I 40 12.21 -0.50 23.42
N LEU I 41 11.19 -1.29 23.77
CA LEU I 41 9.80 -0.80 23.97
C LEU I 41 9.20 -1.26 25.30
N GLY I 42 9.83 -2.20 26.00
CA GLY I 42 9.34 -2.75 27.29
C GLY I 42 8.26 -3.78 27.08
N LEU I 43 8.23 -4.45 25.93
CA LEU I 43 7.30 -5.56 25.65
C LEU I 43 8.11 -6.86 25.46
N THR I 44 7.47 -8.00 25.64
CA THR I 44 8.06 -9.34 25.39
C THR I 44 8.07 -9.56 23.89
N GLU I 45 9.07 -10.28 23.35
CA GLU I 45 9.10 -10.79 21.96
C GLU I 45 7.69 -11.30 21.62
N ARG I 46 7.15 -12.06 22.57
CA ARG I 46 5.87 -12.77 22.36
C ARG I 46 4.77 -11.77 22.10
N GLN I 47 4.77 -10.71 22.91
CA GLN I 47 3.77 -9.63 22.82
C GLN I 47 3.82 -9.01 21.44
N VAL I 48 5.04 -8.74 21.00
CA VAL I 48 5.30 -8.11 19.68
C VAL I 48 4.73 -8.99 18.58
N LYS I 49 5.02 -10.28 18.70
CA LYS I 49 4.59 -11.31 17.73
C LYS I 49 3.07 -11.25 17.62
N ILE I 50 2.46 -11.27 18.79
CA ILE I 50 0.98 -11.30 18.91
C ILE I 50 0.41 -10.08 18.21
N TRP I 51 1.01 -8.95 18.49
CA TRP I 51 0.59 -7.62 17.99
C TRP I 51 0.63 -7.67 16.48
N PHE I 52 1.73 -8.21 15.93
CA PHE I 52 1.85 -8.22 14.45
C PHE I 52 0.73 -9.06 13.83
N GLN I 53 0.45 -10.18 14.48
CA GLN I 53 -0.61 -11.09 14.01
C GLN I 53 -1.95 -10.37 14.02
N ASN I 54 -2.20 -9.65 15.11
CA ASN I 54 -3.44 -8.90 15.30
C ASN I 54 -3.58 -7.88 14.16
N ARG I 55 -2.49 -7.19 13.93
CA ARG I 55 -2.42 -6.03 13.03
C ARG I 55 -2.68 -6.50 11.63
N ARG I 56 -2.10 -7.63 11.25
CA ARG I 56 -2.30 -8.17 9.90
C ARG I 56 -3.79 -8.47 9.70
N ALA I 57 -4.39 -9.09 10.72
CA ALA I 57 -5.82 -9.45 10.70
C ALA I 57 -6.67 -8.19 10.50
N LYS I 58 -6.32 -7.17 11.25
CA LYS I 58 -7.00 -5.86 11.22
C LYS I 58 -6.95 -5.28 9.80
N GLU I 59 -5.76 -5.35 9.23
CA GLU I 59 -5.50 -4.85 7.87
C GLU I 59 -6.40 -5.57 6.87
N ARG I 60 -6.45 -6.89 7.03
CA ARG I 60 -7.26 -7.77 6.17
C ARG I 60 -8.72 -7.35 6.25
N LYS I 61 -9.18 -7.13 7.47
CA LYS I 61 -10.56 -6.70 7.78
C LYS I 61 -10.81 -5.27 7.26
N THR J 1 0.09 30.36 9.23
CA THR J 1 1.23 30.68 10.15
C THR J 1 1.08 29.88 11.45
N ARG J 2 2.14 29.16 11.86
CA ARG J 2 2.27 28.39 13.13
C ARG J 2 3.28 29.06 14.06
N THR J 3 4.45 29.45 13.54
CA THR J 3 5.64 29.83 14.36
C THR J 3 5.34 31.09 15.18
N LYS J 4 5.99 31.25 16.34
CA LYS J 4 5.86 32.43 17.22
C LYS J 4 7.07 32.51 18.14
N ASP J 5 6.91 32.21 19.43
CA ASP J 5 7.99 31.97 20.41
C ASP J 5 8.10 30.46 20.70
N LYS J 6 7.41 29.62 19.89
CA LYS J 6 7.71 28.19 19.69
C LYS J 6 7.96 27.94 18.20
N TYR J 7 9.24 27.93 17.79
CA TYR J 7 9.70 27.74 16.38
C TYR J 7 8.99 26.53 15.75
N ARG J 8 8.85 25.48 16.55
CA ARG J 8 8.21 24.21 16.16
C ARG J 8 7.66 23.59 17.43
N VAL J 9 6.58 22.81 17.34
CA VAL J 9 5.86 22.26 18.51
C VAL J 9 5.88 20.74 18.39
N VAL J 10 6.26 20.02 19.44
CA VAL J 10 6.36 18.54 19.40
C VAL J 10 4.96 17.95 19.52
N TYR J 11 4.53 17.15 18.56
CA TYR J 11 3.20 16.51 18.60
C TYR J 11 3.26 15.41 19.68
N THR J 12 2.16 15.25 20.43
CA THR J 12 1.99 14.19 21.47
C THR J 12 2.19 12.82 20.81
N ASP J 13 2.30 11.74 21.59
CA ASP J 13 2.47 10.40 20.98
C ASP J 13 1.18 10.05 20.29
N HIS J 14 0.05 10.31 20.94
CA HIS J 14 -1.28 9.89 20.48
C HIS J 14 -1.55 10.43 19.09
N GLN J 15 -1.29 11.73 18.98
CA GLN J 15 -1.47 12.53 17.75
C GLN J 15 -0.70 11.84 16.63
N ARG J 16 0.57 11.59 16.97
CA ARG J 16 1.56 11.01 16.02
C ARG J 16 1.04 9.69 15.51
N LEU J 17 0.57 8.87 16.44
CA LEU J 17 0.05 7.52 16.18
C LEU J 17 -1.09 7.61 15.19
N GLU J 18 -1.99 8.54 15.49
CA GLU J 18 -3.21 8.75 14.67
C GLU J 18 -2.79 9.06 13.24
N LEU J 19 -1.83 9.99 13.16
CA LEU J 19 -1.35 10.48 11.85
C LEU J 19 -0.75 9.34 11.06
N GLU J 20 0.03 8.52 11.75
CA GLU J 20 0.71 7.36 11.14
C GLU J 20 -0.32 6.39 10.59
N LYS J 21 -1.35 6.15 11.39
CA LYS J 21 -2.44 5.24 11.00
C LYS J 21 -3.07 5.75 9.70
N GLU J 22 -3.35 7.05 9.71
CA GLU J 22 -4.00 7.71 8.55
C GLU J 22 -3.13 7.53 7.31
N PHE J 23 -1.85 7.76 7.49
CA PHE J 23 -0.86 7.65 6.40
C PHE J 23 -0.90 6.25 5.82
N HIS J 24 -0.89 5.28 6.73
CA HIS J 24 -0.89 3.85 6.36
C HIS J 24 -2.10 3.56 5.51
N TYR J 25 -3.25 4.07 5.98
CA TYR J 25 -4.54 3.90 5.26
C TYR J 25 -4.41 4.46 3.81
N SER J 26 -3.99 5.73 3.69
CA SER J 26 -3.62 6.40 2.41
C SER J 26 -2.57 7.52 2.57
N ARG J 27 -1.67 7.67 1.61
CA ARG J 27 -0.48 8.57 1.60
C ARG J 27 -0.87 10.04 1.35
N TYR J 28 -2.05 10.29 0.78
CA TYR J 28 -2.63 11.64 0.56
C TYR J 28 -3.89 11.74 1.43
N ILE J 29 -4.27 12.95 1.85
CA ILE J 29 -5.46 13.12 2.73
C ILE J 29 -6.46 14.06 2.04
N THR J 30 -7.71 13.62 1.92
CA THR J 30 -8.83 14.39 1.33
C THR J 30 -9.13 15.59 2.22
N ILE J 31 -9.73 16.65 1.68
CA ILE J 31 -9.92 17.90 2.49
C ILE J 31 -10.76 17.54 3.72
N ARG J 32 -11.83 16.82 3.47
CA ARG J 32 -12.84 16.44 4.46
C ARG J 32 -12.16 15.70 5.62
N ARG J 33 -11.41 14.69 5.18
CA ARG J 33 -10.69 13.77 6.09
C ARG J 33 -9.74 14.58 6.95
N LYS J 34 -9.02 15.48 6.29
CA LYS J 34 -8.01 16.35 6.93
C LYS J 34 -8.69 17.16 8.05
N SER J 35 -9.81 17.73 7.68
CA SER J 35 -10.61 18.60 8.58
C SER J 35 -11.00 17.81 9.81
N GLU J 36 -11.48 16.58 9.56
CA GLU J 36 -11.96 15.68 10.62
C GLU J 36 -10.79 15.43 11.60
N LEU J 37 -9.67 15.11 11.00
CA LEU J 37 -8.49 14.64 11.75
C LEU J 37 -7.97 15.78 12.61
N ALA J 38 -7.91 16.96 12.05
CA ALA J 38 -7.44 18.16 12.78
C ALA J 38 -8.35 18.39 13.98
N ALA J 39 -9.66 18.27 13.73
CA ALA J 39 -10.68 18.50 14.75
C ALA J 39 -10.42 17.54 15.91
N ASN J 40 -10.19 16.26 15.56
CA ASN J 40 -10.21 15.19 16.56
C ASN J 40 -8.86 15.08 17.27
N LEU J 41 -7.87 15.91 16.96
CA LEU J 41 -6.47 15.72 17.44
C LEU J 41 -5.89 16.98 18.08
N GLY J 42 -6.53 18.14 17.93
CA GLY J 42 -6.04 19.41 18.50
C GLY J 42 -4.98 20.04 17.60
N LEU J 43 -5.00 19.72 16.31
CA LEU J 43 -4.05 20.27 15.33
C LEU J 43 -4.86 21.06 14.31
N THR J 44 -4.24 22.04 13.67
CA THR J 44 -4.84 22.85 12.58
C THR J 44 -4.83 21.99 11.31
N GLU J 45 -5.81 22.15 10.43
CA GLU J 45 -5.82 21.58 9.07
C GLU J 45 -4.45 21.78 8.45
N ARG J 46 -3.90 22.97 8.67
CA ARG J 46 -2.61 23.37 8.06
C ARG J 46 -1.52 22.44 8.55
N GLN J 47 -1.55 22.17 9.85
CA GLN J 47 -0.53 21.34 10.53
C GLN J 47 -0.56 19.94 9.94
N VAL J 48 -1.77 19.42 9.82
CA VAL J 48 -2.00 18.05 9.29
C VAL J 48 -1.48 17.96 7.87
N LYS J 49 -1.80 19.00 7.09
CA LYS J 49 -1.40 19.09 5.68
C LYS J 49 0.14 18.99 5.59
N ILE J 50 0.75 19.82 6.44
CA ILE J 50 2.23 19.94 6.49
C ILE J 50 2.83 18.57 6.80
N TRP J 51 2.24 17.93 7.79
CA TRP J 51 2.68 16.63 8.33
C TRP J 51 2.63 15.63 7.19
N PHE J 52 1.54 15.63 6.42
CA PHE J 52 1.42 14.63 5.34
C PHE J 52 2.56 14.81 4.32
N GLN J 53 2.82 16.08 4.01
CA GLN J 53 3.87 16.43 3.05
C GLN J 53 5.22 15.92 3.56
N ASN J 54 5.45 16.15 4.84
CA ASN J 54 6.71 15.76 5.50
C ASN J 54 6.87 14.22 5.39
N ARG J 55 5.78 13.55 5.69
CA ARG J 55 5.74 12.10 5.84
C ARG J 55 6.00 11.47 4.49
N ARG J 56 5.43 12.04 3.44
CA ARG J 56 5.63 11.49 2.08
C ARG J 56 7.13 11.58 1.74
N ALA J 57 7.72 12.74 2.07
CA ALA J 57 9.14 12.99 1.83
C ALA J 57 10.00 11.96 2.54
N LYS J 58 9.64 11.72 3.79
CA LYS J 58 10.34 10.76 4.66
C LYS J 58 10.29 9.37 4.03
N GLU J 59 9.11 9.01 3.57
CA GLU J 59 8.87 7.70 2.94
C GLU J 59 9.77 7.56 1.72
N ARG J 60 9.81 8.61 0.92
CA ARG J 60 10.63 8.66 -0.31
C ARG J 60 12.09 8.40 0.06
N LYS J 61 12.54 9.10 1.08
CA LYS J 61 13.92 9.02 1.59
C LYS J 61 14.24 7.60 1.98
N VAL J 62 13.31 6.98 2.69
CA VAL J 62 13.47 5.56 3.10
C VAL J 62 13.53 4.55 1.91
N ASN J 63 12.45 4.52 1.14
CA ASN J 63 12.25 3.65 -0.05
C ASN J 63 13.02 4.22 -1.25
N THR K 3 21.32 2.71 -23.46
CA THR K 3 20.65 3.38 -24.59
C THR K 3 19.82 2.35 -25.37
N LYS K 4 18.64 2.76 -25.89
CA LYS K 4 18.00 2.16 -27.11
C LYS K 4 17.64 3.26 -28.15
N ASP K 5 17.92 2.94 -29.41
CA ASP K 5 17.87 3.84 -30.59
C ASP K 5 16.86 3.23 -31.56
N LYS K 6 15.61 3.14 -31.10
CA LYS K 6 14.41 2.74 -31.91
C LYS K 6 13.35 3.86 -31.88
N TYR K 7 13.60 5.03 -31.26
CA TYR K 7 12.59 5.98 -30.74
C TYR K 7 11.39 5.26 -30.17
N ARG K 8 11.42 4.97 -28.87
CA ARG K 8 10.31 4.32 -28.14
C ARG K 8 9.77 3.10 -28.90
N VAL K 9 9.70 1.97 -28.21
CA VAL K 9 9.10 0.70 -28.69
C VAL K 9 7.97 0.36 -27.72
N VAL K 10 6.83 -0.07 -28.26
CA VAL K 10 5.63 -0.39 -27.46
C VAL K 10 5.82 -1.73 -26.75
N TYR K 11 5.70 -1.76 -25.42
CA TYR K 11 5.77 -3.01 -24.64
C TYR K 11 4.49 -3.82 -24.92
N THR K 12 4.61 -5.14 -25.06
CA THR K 12 3.49 -6.09 -25.26
C THR K 12 2.48 -5.92 -24.11
N ASP K 13 1.31 -6.53 -24.23
CA ASP K 13 0.31 -6.44 -23.14
C ASP K 13 0.82 -7.25 -21.96
N HIS K 14 1.40 -8.40 -22.23
CA HIS K 14 1.84 -9.34 -21.18
C HIS K 14 2.86 -8.67 -20.26
N GLN K 15 3.83 -8.06 -20.93
CA GLN K 15 4.99 -7.37 -20.32
C GLN K 15 4.46 -6.33 -19.35
N ARG K 16 3.55 -5.52 -19.92
CA ARG K 16 2.94 -4.36 -19.22
C ARG K 16 2.22 -4.86 -17.98
N LEU K 17 1.47 -5.94 -18.16
CA LEU K 17 0.69 -6.56 -17.06
C LEU K 17 1.61 -6.95 -15.93
N GLU K 18 2.70 -7.61 -16.32
CA GLU K 18 3.70 -8.12 -15.36
C GLU K 18 4.24 -6.93 -14.54
N LEU K 19 4.58 -5.88 -15.29
CA LEU K 19 5.18 -4.67 -14.69
C LEU K 19 4.22 -4.07 -13.68
N GLU K 20 2.95 -4.01 -14.07
CA GLU K 20 1.88 -3.44 -13.23
C GLU K 20 1.76 -4.23 -11.95
N LYS K 21 1.80 -5.55 -12.09
CA LYS K 21 1.69 -6.47 -10.94
C LYS K 21 2.83 -6.17 -9.96
N GLU K 22 4.02 -6.06 -10.54
CA GLU K 22 5.25 -5.82 -9.76
C GLU K 22 5.11 -4.50 -8.99
N PHE K 23 4.62 -3.50 -9.68
CA PHE K 23 4.42 -2.15 -9.13
C PHE K 23 3.49 -2.24 -7.93
N HIS K 24 2.39 -2.96 -8.14
CA HIS K 24 1.35 -3.14 -7.11
C HIS K 24 1.99 -3.76 -5.87
N TYR K 25 2.78 -4.79 -6.11
CA TYR K 25 3.51 -5.49 -5.02
C TYR K 25 4.39 -4.48 -4.23
N SER K 26 5.25 -3.73 -4.94
CA SER K 26 6.04 -2.58 -4.41
C SER K 26 6.40 -1.54 -5.48
N ARG K 27 6.40 -0.25 -5.11
CA ARG K 27 6.57 0.94 -5.97
C ARG K 27 8.04 1.15 -6.39
N TYR K 28 8.98 0.58 -5.65
CA TYR K 28 10.44 0.57 -5.97
C TYR K 28 10.84 -0.88 -6.26
N ILE K 29 11.85 -1.09 -7.09
CA ILE K 29 12.28 -2.47 -7.47
C ILE K 29 13.75 -2.64 -7.09
N THR K 30 14.05 -3.72 -6.35
CA THR K 30 15.40 -4.10 -5.89
C THR K 30 16.23 -4.48 -7.12
N ILE K 31 17.55 -4.39 -7.06
CA ILE K 31 18.38 -4.65 -8.29
C ILE K 31 18.12 -6.07 -8.76
N ARG K 32 18.12 -6.98 -7.81
CA ARG K 32 17.98 -8.44 -8.03
C ARG K 32 16.67 -8.68 -8.79
N ARG K 33 15.63 -8.10 -8.19
CA ARG K 33 14.24 -8.26 -8.68
C ARG K 33 14.16 -7.74 -10.10
N LYS K 34 14.77 -6.58 -10.30
CA LYS K 34 14.79 -5.89 -11.61
C LYS K 34 15.40 -6.82 -12.65
N SER K 35 16.53 -7.39 -12.28
CA SER K 35 17.32 -8.29 -13.13
C SER K 35 16.46 -9.47 -13.54
N GLU K 36 15.78 -10.04 -12.54
CA GLU K 36 14.93 -11.22 -12.73
C GLU K 36 13.85 -10.87 -13.77
N LEU K 37 13.25 -9.73 -13.54
CA LEU K 37 12.05 -9.32 -14.30
C LEU K 37 12.44 -9.07 -15.73
N ALA K 38 13.55 -8.40 -15.94
CA ALA K 38 14.06 -8.11 -17.30
C ALA K 38 14.29 -9.42 -18.03
N ALA K 39 14.90 -10.37 -17.31
CA ALA K 39 15.27 -11.68 -17.87
C ALA K 39 13.97 -12.35 -18.35
N ASN K 40 12.95 -12.30 -17.50
CA ASN K 40 11.76 -13.14 -17.70
C ASN K 40 10.79 -12.48 -18.67
N LEU K 41 11.07 -11.30 -19.21
CA LEU K 41 10.09 -10.50 -20.00
C LEU K 41 10.64 -10.05 -21.35
N GLY K 42 11.94 -10.16 -21.61
CA GLY K 42 12.55 -9.74 -22.89
C GLY K 42 12.84 -8.25 -22.89
N LEU K 43 13.00 -7.65 -21.72
CA LEU K 43 13.34 -6.21 -21.57
C LEU K 43 14.71 -6.12 -20.93
N THR K 44 15.40 -4.99 -21.15
CA THR K 44 16.70 -4.69 -20.52
C THR K 44 16.43 -4.25 -19.08
N GLU K 45 17.35 -4.55 -18.14
CA GLU K 45 17.33 -3.98 -16.75
C GLU K 45 16.93 -2.51 -16.85
N ARG K 46 17.61 -1.86 -17.79
CA ARG K 46 17.51 -0.38 -17.96
C ARG K 46 16.08 0.00 -18.23
N GLN K 47 15.46 -0.74 -19.15
CA GLN K 47 14.06 -0.52 -19.59
C GLN K 47 13.09 -0.63 -18.42
N VAL K 48 13.36 -1.64 -17.60
CA VAL K 48 12.53 -1.90 -16.39
C VAL K 48 12.66 -0.74 -15.41
N LYS K 49 13.91 -0.30 -15.23
CA LYS K 49 14.25 0.80 -14.32
C LYS K 49 13.46 2.04 -14.72
N ILE K 50 13.55 2.30 -16.02
CA ILE K 50 12.92 3.50 -16.64
C ILE K 50 11.43 3.45 -16.38
N TRP K 51 10.87 2.27 -16.62
CA TRP K 51 9.43 2.01 -16.52
C TRP K 51 9.00 2.31 -15.10
N PHE K 52 9.78 1.84 -14.12
CA PHE K 52 9.38 2.06 -12.72
C PHE K 52 9.32 3.56 -12.40
N GLN K 53 10.32 4.27 -12.90
CA GLN K 53 10.41 5.73 -12.71
C GLN K 53 9.18 6.41 -13.31
N ASN K 54 8.84 5.98 -14.51
CA ASN K 54 7.70 6.52 -15.25
C ASN K 54 6.41 6.31 -14.43
N ARG K 55 6.29 5.09 -13.94
CA ARG K 55 5.08 4.62 -13.27
C ARG K 55 4.89 5.39 -11.98
N ARG K 56 5.98 5.62 -11.25
CA ARG K 56 5.90 6.38 -9.99
C ARG K 56 5.39 7.78 -10.30
N ALA K 57 5.95 8.38 -11.36
CA ALA K 57 5.56 9.73 -11.80
C ALA K 57 4.06 9.80 -12.08
N LYS K 58 3.61 8.78 -12.80
CA LYS K 58 2.20 8.65 -13.20
C LYS K 58 1.32 8.59 -11.96
N GLU K 59 1.75 7.78 -11.01
CA GLU K 59 1.03 7.59 -9.75
C GLU K 59 0.91 8.92 -9.02
N ARG K 60 2.01 9.64 -8.97
CA ARG K 60 2.09 10.96 -8.32
C ARG K 60 1.07 11.91 -8.96
N LYS K 61 1.07 11.90 -10.29
CA LYS K 61 0.18 12.74 -11.09
C LYS K 61 -1.27 12.43 -10.74
N VAL K 62 -1.58 11.14 -10.67
CA VAL K 62 -2.92 10.63 -10.33
C VAL K 62 -3.37 11.05 -8.92
N THR L 1 -25.19 -16.81 -14.52
CA THR L 1 -24.32 -17.90 -15.08
C THR L 1 -23.41 -17.33 -16.18
N ARG L 2 -22.09 -17.54 -16.03
CA ARG L 2 -21.04 -17.39 -17.08
C ARG L 2 -20.61 -18.75 -17.61
N THR L 3 -20.45 -19.75 -16.74
CA THR L 3 -19.97 -21.11 -17.10
C THR L 3 -21.02 -21.76 -18.02
N LYS L 4 -20.61 -22.73 -18.84
CA LYS L 4 -21.49 -23.58 -19.68
C LYS L 4 -20.79 -24.92 -19.93
N ASP L 5 -20.43 -25.20 -21.18
CA ASP L 5 -19.53 -26.33 -21.57
C ASP L 5 -18.21 -25.74 -22.08
N LYS L 6 -17.86 -24.57 -21.54
CA LYS L 6 -16.50 -24.00 -21.34
C LYS L 6 -16.36 -23.70 -19.84
N TYR L 7 -15.76 -24.62 -19.08
CA TYR L 7 -15.77 -24.64 -17.59
C TYR L 7 -15.31 -23.28 -17.04
N ARG L 8 -14.29 -22.74 -17.72
CA ARG L 8 -13.69 -21.42 -17.41
C ARG L 8 -13.02 -20.93 -18.69
N VAL L 9 -12.92 -19.62 -18.89
CA VAL L 9 -12.43 -19.01 -20.14
C VAL L 9 -11.25 -18.11 -19.76
N VAL L 10 -10.12 -18.22 -20.46
CA VAL L 10 -8.90 -17.45 -20.11
C VAL L 10 -9.05 -16.01 -20.60
N TYR L 11 -8.90 -15.04 -19.70
CA TYR L 11 -8.97 -13.61 -20.09
C TYR L 11 -7.71 -13.26 -20.91
N THR L 12 -7.86 -12.42 -21.94
CA THR L 12 -6.74 -11.93 -22.78
C THR L 12 -5.74 -11.21 -21.89
N ASP L 13 -4.54 -10.91 -22.41
CA ASP L 13 -3.52 -10.19 -21.60
C ASP L 13 -4.04 -8.79 -21.36
N HIS L 14 -4.58 -8.16 -22.41
CA HIS L 14 -4.98 -6.75 -22.38
C HIS L 14 -6.00 -6.50 -21.27
N GLN L 15 -6.99 -7.38 -21.29
CA GLN L 15 -8.13 -7.40 -20.34
C GLN L 15 -7.56 -7.41 -18.94
N ARG L 16 -6.66 -8.39 -18.76
CA ARG L 16 -6.03 -8.67 -17.44
C ARG L 16 -5.33 -7.42 -16.95
N LEU L 17 -4.58 -6.80 -17.84
CA LEU L 17 -3.78 -5.60 -17.57
C LEU L 17 -4.70 -4.50 -17.08
N GLU L 18 -5.80 -4.33 -17.82
CA GLU L 18 -6.80 -3.27 -17.54
C GLU L 18 -7.34 -3.49 -16.12
N LEU L 19 -7.67 -4.75 -15.86
CA LEU L 19 -8.27 -5.14 -14.56
C LEU L 19 -7.30 -4.83 -13.44
N GLU L 20 -6.04 -5.14 -13.66
CA GLU L 20 -4.97 -4.92 -12.68
C GLU L 20 -4.85 -3.44 -12.37
N LYS L 21 -4.88 -2.64 -13.43
CA LYS L 21 -4.79 -1.17 -13.32
C LYS L 21 -5.93 -0.67 -12.45
N GLU L 22 -7.12 -1.18 -12.76
CA GLU L 22 -8.35 -0.79 -12.05
C GLU L 22 -8.22 -1.11 -10.57
N PHE L 23 -7.72 -2.30 -10.30
CA PHE L 23 -7.53 -2.81 -8.92
C PHE L 23 -6.61 -1.86 -8.18
N HIS L 24 -5.51 -1.52 -8.84
CA HIS L 24 -4.48 -0.63 -8.26
C HIS L 24 -5.12 0.69 -7.89
N TYR L 25 -5.91 1.22 -8.82
CA TYR L 25 -6.65 2.49 -8.61
C TYR L 25 -7.54 2.40 -7.35
N SER L 26 -8.40 1.36 -7.28
CA SER L 26 -9.18 0.96 -6.07
C SER L 26 -9.53 -0.54 -6.02
N ARG L 27 -9.51 -1.13 -4.82
CA ARG L 27 -9.64 -2.61 -4.55
C ARG L 27 -11.10 -3.05 -4.65
N TYR L 28 -12.05 -2.12 -4.53
CA TYR L 28 -13.51 -2.36 -4.70
C TYR L 28 -13.96 -1.61 -5.95
N ILE L 29 -14.98 -2.09 -6.64
CA ILE L 29 -15.44 -1.44 -7.90
C ILE L 29 -16.91 -1.07 -7.76
N THR L 30 -17.20 0.21 -7.99
CA THR L 30 -18.57 0.82 -7.93
C THR L 30 -19.40 0.23 -9.06
N ILE L 31 -20.73 0.23 -8.95
CA ILE L 31 -21.56 -0.44 -9.99
C ILE L 31 -21.27 0.19 -11.34
N ARG L 32 -21.25 1.51 -11.34
CA ARG L 32 -21.11 2.36 -12.53
C ARG L 32 -19.81 1.96 -13.24
N ARG L 33 -18.77 1.98 -12.41
CA ARG L 33 -17.37 1.73 -12.86
C ARG L 33 -17.31 0.35 -13.46
N LYS L 34 -17.93 -0.60 -12.77
CA LYS L 34 -17.97 -2.03 -13.18
C LYS L 34 -18.58 -2.13 -14.58
N SER L 35 -19.70 -1.45 -14.72
CA SER L 35 -20.49 -1.45 -15.97
C SER L 35 -19.61 -0.93 -17.10
N GLU L 36 -18.92 0.17 -16.81
CA GLU L 36 -18.05 0.85 -17.80
C GLU L 36 -16.97 -0.15 -18.26
N LEU L 37 -16.39 -0.79 -17.27
CA LEU L 37 -15.20 -1.63 -17.49
C LEU L 37 -15.61 -2.84 -18.31
N ALA L 38 -16.75 -3.42 -17.98
CA ALA L 38 -17.27 -4.60 -18.71
C ALA L 38 -17.47 -4.21 -20.17
N ALA L 39 -18.06 -3.03 -20.36
CA ALA L 39 -18.40 -2.51 -21.70
C ALA L 39 -17.09 -2.42 -22.50
N ASN L 40 -16.06 -1.86 -21.86
CA ASN L 40 -14.86 -1.46 -22.59
C ASN L 40 -13.93 -2.64 -22.80
N LEU L 41 -14.23 -3.84 -22.31
CA LEU L 41 -13.25 -4.97 -22.24
C LEU L 41 -13.80 -6.26 -22.83
N GLY L 42 -15.10 -6.34 -23.12
CA GLY L 42 -15.74 -7.54 -23.71
C GLY L 42 -16.04 -8.57 -22.64
N LEU L 43 -16.20 -8.14 -21.39
CA LEU L 43 -16.56 -9.03 -20.25
C LEU L 43 -17.93 -8.59 -19.74
N THR L 44 -18.64 -9.51 -19.08
CA THR L 44 -19.94 -9.23 -18.42
C THR L 44 -19.65 -8.50 -17.11
N GLU L 45 -20.54 -7.61 -16.67
CA GLU L 45 -20.53 -7.00 -15.30
C GLU L 45 -20.12 -8.11 -14.31
N ARG L 46 -20.79 -9.24 -14.48
CA ARG L 46 -20.69 -10.37 -13.53
C ARG L 46 -19.27 -10.84 -13.46
N GLN L 47 -18.67 -10.99 -14.65
CA GLN L 47 -17.27 -11.48 -14.80
C GLN L 47 -16.28 -10.56 -14.08
N VAL L 48 -16.54 -9.27 -14.25
CA VAL L 48 -15.70 -8.22 -13.63
C VAL L 48 -15.80 -8.33 -12.11
N LYS L 49 -17.04 -8.47 -11.65
CA LYS L 49 -17.38 -8.56 -10.21
C LYS L 49 -16.57 -9.72 -9.61
N ILE L 50 -16.69 -10.85 -10.31
CA ILE L 50 -16.07 -12.12 -9.86
C ILE L 50 -14.57 -11.91 -9.74
N TRP L 51 -14.02 -11.29 -10.76
CA TRP L 51 -12.56 -11.04 -10.89
C TRP L 51 -12.12 -10.22 -9.71
N PHE L 52 -12.89 -9.18 -9.37
CA PHE L 52 -12.46 -8.31 -8.26
C PHE L 52 -12.40 -9.10 -6.95
N GLN L 53 -13.41 -9.96 -6.78
CA GLN L 53 -13.51 -10.80 -5.59
C GLN L 53 -12.28 -11.71 -5.51
N ASN L 54 -11.96 -12.30 -6.64
CA ASN L 54 -10.82 -13.23 -6.76
C ASN L 54 -9.53 -12.49 -6.39
N ARG L 55 -9.41 -11.31 -6.92
CA ARG L 55 -8.18 -10.50 -6.81
C ARG L 55 -7.98 -10.10 -5.38
N ARG L 56 -9.05 -9.73 -4.70
CA ARG L 56 -8.95 -9.34 -3.27
C ARG L 56 -8.44 -10.56 -2.47
N ALA L 57 -8.99 -11.72 -2.78
CA ALA L 57 -8.61 -12.99 -2.12
C ALA L 57 -7.13 -13.25 -2.33
N LYS L 58 -6.69 -13.07 -3.55
CA LYS L 58 -5.29 -13.26 -3.97
C LYS L 58 -4.38 -12.34 -3.15
N GLU L 59 -4.81 -11.10 -3.04
CA GLU L 59 -4.06 -10.07 -2.29
C GLU L 59 -3.93 -10.50 -0.83
N ARG L 60 -5.03 -10.97 -0.28
CA ARG L 60 -5.10 -11.46 1.11
C ARG L 60 -4.09 -12.57 1.31
N LYS L 61 -4.09 -13.50 0.37
CA LYS L 61 -3.18 -14.67 0.34
C LYS L 61 -1.71 -14.23 0.24
#